data_6X3K
#
_entry.id   6X3K
#
_cell.length_a   46.635
_cell.length_b   58.173
_cell.length_c   75.973
_cell.angle_alpha   90.000
_cell.angle_beta   90.000
_cell.angle_gamma   90.000
#
_symmetry.space_group_name_H-M   'P 21 21 21'
#
loop_
_entity.id
_entity.type
_entity.pdbx_description
1 polymer 'Streptococcal hemagglutinin'
2 branched alpha-L-fucopyranose-(1-3)-[beta-D-galactopyranose-(1-4)]2-acetamido-2-deoxy-6-O-sulfo-beta-D-glucopyranose
3 non-polymer 'SODIUM ION'
4 non-polymer 'N-acetyl-alpha-neuraminic acid'
5 water water
#
_entity_poly.entity_id   1
_entity_poly.type   'polypeptide(L)'
_entity_poly.pdbx_seq_one_letter_code
;LNTNQSVSARNQNARVRTRRAVAANDTEAPQVKSGDYVVYRGESFEYYAEITDNSGQVNRVVIRNVEGGANSTYLSPNWV
KYSTENLGRPGNATVQNPLRTRIFGEVPLNEIVNEKSYYTRYIVAWDPSGNATQMVDNANRNGLERFVLTVKSQNEKYDP
AESSVTYVNNLSNLSTSEREAVAAAVRAANPNIPPTAKITVSQNGTVTITYPDKSTDTIPANRVVKDLQISKSN
;
_entity_poly.pdbx_strand_id   A
#
loop_
_chem_comp.id
_chem_comp.type
_chem_comp.name
_chem_comp.formula
FUC L-saccharide, alpha linking alpha-L-fucopyranose 'C6 H12 O5'
GAL D-saccharide, beta linking beta-D-galactopyranose 'C6 H12 O6'
NA non-polymer 'SODIUM ION' 'Na 1'
NGS D-saccharide, beta linking 2-acetamido-2-deoxy-6-O-sulfo-beta-D-glucopyranose 'C8 H15 N O9 S'
SIA D-saccharide, alpha linking 'N-acetyl-alpha-neuraminic acid' 'C11 H19 N O9'
#
# COMPACT_ATOMS: atom_id res chain seq x y z
N ASN A 25 -7.13 27.23 27.08
CA ASN A 25 -8.02 26.26 27.76
C ASN A 25 -8.92 25.48 26.80
N ASP A 26 -8.38 24.47 26.12
CA ASP A 26 -9.14 23.47 25.31
C ASP A 26 -9.04 22.20 26.14
N THR A 27 -10.09 21.42 26.30
CA THR A 27 -9.89 20.19 27.12
C THR A 27 -9.71 18.96 26.22
N GLU A 28 -10.26 18.94 25.03
CA GLU A 28 -10.10 17.72 24.21
C GLU A 28 -8.90 17.88 23.29
N ALA A 29 -8.24 16.79 22.94
CA ALA A 29 -7.09 16.86 22.02
C ALA A 29 -7.54 16.45 20.62
N PRO A 30 -6.84 16.78 19.53
CA PRO A 30 -7.27 16.38 18.21
C PRO A 30 -7.43 14.87 18.08
N GLN A 31 -8.48 14.47 17.39
CA GLN A 31 -8.77 13.04 17.17
C GLN A 31 -8.29 12.66 15.77
N VAL A 32 -7.87 11.42 15.59
CA VAL A 32 -7.35 10.97 14.27
C VAL A 32 -8.11 9.75 13.80
N LYS A 33 -8.36 9.70 12.51
CA LYS A 33 -8.88 8.52 11.83
C LYS A 33 -7.84 8.24 10.75
N SER A 34 -7.28 7.06 10.74
CA SER A 34 -6.31 6.68 9.70
C SER A 34 -6.89 5.50 8.90
N GLY A 35 -6.18 4.40 8.80
CA GLY A 35 -6.71 3.26 8.05
C GLY A 35 -5.77 2.10 8.06
N ASP A 36 -5.95 1.15 7.15
CA ASP A 36 -5.12 -0.05 7.03
C ASP A 36 -4.15 0.15 5.88
N TYR A 37 -2.97 0.63 6.17
CA TYR A 37 -2.04 0.99 5.10
C TYR A 37 -1.18 -0.18 4.67
N VAL A 38 -1.65 -0.86 3.66
CA VAL A 38 -0.87 -1.96 3.06
C VAL A 38 -0.02 -1.32 1.98
N VAL A 39 1.26 -1.58 2.00
CA VAL A 39 2.19 -1.04 0.99
C VAL A 39 2.88 -2.21 0.30
N TYR A 40 3.47 -2.00 -0.86
CA TYR A 40 4.07 -3.09 -1.58
C TYR A 40 5.47 -2.81 -2.00
N ARG A 41 6.30 -3.83 -1.90
CA ARG A 41 7.68 -3.77 -2.30
C ARG A 41 7.75 -3.36 -3.74
N GLY A 42 8.48 -2.31 -4.05
CA GLY A 42 8.59 -1.87 -5.41
C GLY A 42 7.60 -0.82 -5.83
N GLU A 43 6.54 -0.66 -5.07
CA GLU A 43 5.52 0.30 -5.42
C GLU A 43 5.42 1.44 -4.45
N SER A 44 4.91 2.57 -4.92
CA SER A 44 4.74 3.71 -4.07
C SER A 44 3.40 3.62 -3.42
N PHE A 45 3.23 4.35 -2.35
CA PHE A 45 1.96 4.34 -1.63
C PHE A 45 1.60 5.75 -1.24
N GLU A 46 0.37 5.90 -0.81
CA GLU A 46 -0.16 7.22 -0.47
C GLU A 46 -1.48 7.02 0.24
N TYR A 47 -1.51 7.35 1.50
CA TYR A 47 -2.75 7.22 2.30
C TYR A 47 -3.01 8.54 3.01
N TYR A 48 -4.19 8.67 3.56
CA TYR A 48 -4.50 9.96 4.20
C TYR A 48 -5.13 9.70 5.55
N ALA A 49 -4.76 10.54 6.48
CA ALA A 49 -5.33 10.53 7.82
C ALA A 49 -6.22 11.76 7.94
N GLU A 50 -7.31 11.65 8.69
CA GLU A 50 -8.27 12.76 8.84
C GLU A 50 -8.16 13.27 10.26
N ILE A 51 -7.94 14.55 10.46
CA ILE A 51 -7.77 14.99 11.87
C ILE A 51 -8.80 16.06 12.22
N THR A 52 -9.48 15.90 13.34
CA THR A 52 -10.48 16.92 13.71
C THR A 52 -10.30 17.35 15.15
N ASP A 53 -10.32 18.63 15.42
CA ASP A 53 -10.25 19.13 16.76
C ASP A 53 -11.55 19.82 17.11
N ASN A 54 -11.83 19.90 18.39
CA ASN A 54 -12.96 20.58 18.94
C ASN A 54 -12.77 22.08 18.81
N SER A 55 -11.52 22.48 18.66
CA SER A 55 -11.17 23.86 18.50
C SER A 55 -11.34 24.23 17.05
N GLY A 56 -11.23 23.25 16.16
CA GLY A 56 -11.38 23.44 14.75
C GLY A 56 -10.10 23.82 14.07
N GLN A 57 -9.03 23.84 14.83
CA GLN A 57 -7.76 24.19 14.33
C GLN A 57 -6.76 23.24 14.94
N VAL A 58 -5.83 22.79 14.14
CA VAL A 58 -4.78 21.87 14.60
C VAL A 58 -3.49 22.54 14.21
N ASN A 59 -2.50 22.55 15.09
CA ASN A 59 -1.27 23.28 14.72
C ASN A 59 -0.14 22.34 14.39
N ARG A 60 -0.18 21.10 14.84
CA ARG A 60 0.98 20.25 14.51
C ARG A 60 0.60 18.78 14.42
N VAL A 61 1.15 18.08 13.44
CA VAL A 61 0.89 16.64 13.29
C VAL A 61 2.23 15.94 13.21
N VAL A 62 2.43 14.96 14.07
CA VAL A 62 3.68 14.17 14.03
C VAL A 62 3.33 12.69 13.93
N ILE A 63 4.08 11.98 13.11
CA ILE A 63 3.92 10.54 12.99
C ILE A 63 5.22 9.88 13.43
N ARG A 64 5.12 8.93 14.37
CA ARG A 64 6.28 8.50 15.13
C ARG A 64 6.12 7.05 15.57
N ASN A 65 7.22 6.43 15.96
CA ASN A 65 7.15 5.07 16.54
C ASN A 65 6.79 5.20 18.03
N VAL A 66 6.41 4.14 18.70
CA VAL A 66 6.05 4.32 20.14
C VAL A 66 7.25 4.75 20.95
N GLU A 67 8.45 4.29 20.63
CA GLU A 67 9.66 4.65 21.39
C GLU A 67 9.87 6.15 21.39
N GLY A 68 10.37 6.67 22.50
CA GLY A 68 10.67 8.09 22.49
C GLY A 68 10.35 8.75 23.81
N GLY A 69 9.55 9.79 23.73
CA GLY A 69 9.17 10.59 24.90
C GLY A 69 7.95 11.37 24.50
N ALA A 70 7.83 12.62 24.90
CA ALA A 70 6.63 13.34 24.50
C ALA A 70 6.93 14.15 23.30
N ASN A 71 8.15 14.58 23.18
CA ASN A 71 8.53 15.37 22.05
C ASN A 71 9.33 14.54 21.11
N SER A 72 9.18 13.23 21.16
CA SER A 72 9.91 12.38 20.26
C SER A 72 9.33 12.46 18.92
N THR A 73 10.13 12.17 17.93
CA THR A 73 9.67 12.34 16.59
C THR A 73 10.25 11.28 15.68
N TYR A 74 10.93 10.32 16.29
CA TYR A 74 11.59 9.21 15.57
C TYR A 74 10.57 8.33 14.82
N LEU A 75 10.80 8.14 13.54
CA LEU A 75 9.91 7.29 12.71
C LEU A 75 10.74 6.38 11.82
N SER A 76 10.42 5.12 11.84
CA SER A 76 11.14 4.19 10.97
C SER A 76 10.11 3.34 10.22
N PRO A 77 10.39 2.73 9.06
CA PRO A 77 11.55 2.99 8.25
C PRO A 77 11.70 4.38 7.65
N ASN A 78 12.90 4.69 7.25
CA ASN A 78 13.19 6.06 6.78
C ASN A 78 12.38 6.36 5.52
N TRP A 79 11.90 5.35 4.80
CA TRP A 79 11.16 5.58 3.55
C TRP A 79 9.72 5.96 3.82
N VAL A 80 9.28 5.97 5.05
CA VAL A 80 7.90 6.41 5.37
C VAL A 80 7.91 7.92 5.53
N LYS A 81 7.11 8.62 4.74
CA LYS A 81 7.10 10.07 4.81
C LYS A 81 5.69 10.54 5.11
N TYR A 82 5.58 11.74 5.62
CA TYR A 82 4.24 12.33 5.90
C TYR A 82 4.33 13.82 5.76
N SER A 83 3.21 14.39 5.40
CA SER A 83 3.02 15.84 5.22
C SER A 83 1.59 16.22 5.52
N THR A 84 1.38 17.47 5.89
CA THR A 84 0.06 18.07 6.18
C THR A 84 0.03 19.49 5.63
N GLU A 85 -1.06 19.90 5.02
CA GLU A 85 -1.20 21.26 4.48
C GLU A 85 -2.20 22.00 5.34
N ASN A 86 -2.07 23.30 5.43
CA ASN A 86 -3.03 24.19 6.14
C ASN A 86 -2.98 23.94 7.63
N LEU A 87 -1.78 23.76 8.16
CA LEU A 87 -1.67 23.58 9.61
C LEU A 87 -1.79 24.95 10.27
N GLY A 88 -2.25 24.98 11.50
CA GLY A 88 -2.33 26.24 12.25
C GLY A 88 -3.17 27.26 11.53
N ARG A 89 -4.44 26.96 11.34
CA ARG A 89 -5.33 27.92 10.68
C ARG A 89 -6.72 27.59 11.13
N PRO A 90 -7.54 28.57 11.53
CA PRO A 90 -8.87 28.30 11.99
C PRO A 90 -9.71 27.45 11.05
N GLY A 91 -10.44 26.52 11.64
CA GLY A 91 -11.34 25.70 10.82
C GLY A 91 -10.63 24.77 9.88
N ASN A 92 -9.39 24.43 10.13
CA ASN A 92 -8.75 23.50 9.19
C ASN A 92 -8.94 22.08 9.71
N ALA A 93 -9.55 21.93 10.87
CA ALA A 93 -9.79 20.60 11.45
C ALA A 93 -11.22 20.52 11.91
N THR A 94 -12.18 20.77 11.03
CA THR A 94 -13.59 20.65 11.46
C THR A 94 -14.19 19.40 10.86
N VAL A 95 -15.34 19.03 11.34
CA VAL A 95 -15.96 17.86 10.84
C VAL A 95 -16.34 18.04 9.39
N GLN A 96 -16.66 19.25 9.02
CA GLN A 96 -17.04 19.50 7.66
C GLN A 96 -15.85 19.53 6.72
N ASN A 97 -14.68 19.87 7.21
CA ASN A 97 -13.50 19.91 6.38
C ASN A 97 -12.27 19.54 7.18
N PRO A 98 -12.09 18.27 7.44
CA PRO A 98 -11.06 17.64 8.23
C PRO A 98 -9.68 17.91 7.80
N LEU A 99 -8.77 18.00 8.75
CA LEU A 99 -7.37 18.17 8.38
C LEU A 99 -6.86 16.86 7.82
N ARG A 100 -6.11 16.89 6.74
CA ARG A 100 -5.68 15.64 6.12
C ARG A 100 -4.19 15.53 6.02
N THR A 101 -3.64 14.45 6.53
CA THR A 101 -2.19 14.23 6.55
C THR A 101 -1.85 13.19 5.48
N ARG A 102 -0.94 13.52 4.57
CA ARG A 102 -0.56 12.60 3.51
C ARG A 102 0.54 11.67 4.01
N ILE A 103 0.29 10.37 3.99
CA ILE A 103 1.28 9.36 4.39
C ILE A 103 1.68 8.60 3.13
N PHE A 104 2.96 8.68 2.79
CA PHE A 104 3.42 8.19 1.49
C PHE A 104 4.87 7.73 1.60
N GLY A 105 5.35 7.14 0.51
CA GLY A 105 6.72 6.67 0.44
C GLY A 105 6.89 5.74 -0.73
N GLU A 106 8.08 5.18 -0.84
CA GLU A 106 8.38 4.19 -1.90
C GLU A 106 9.04 3.02 -1.21
N VAL A 107 8.43 1.86 -1.28
CA VAL A 107 9.06 0.69 -0.62
C VAL A 107 10.20 0.18 -1.48
N PRO A 108 11.40 -0.07 -0.95
CA PRO A 108 12.47 -0.57 -1.75
C PRO A 108 12.27 -2.07 -1.97
N LEU A 109 12.87 -2.59 -3.03
CA LEU A 109 12.66 -4.01 -3.38
C LEU A 109 13.35 -4.92 -2.39
N ASN A 110 14.39 -4.44 -1.73
CA ASN A 110 15.11 -5.30 -0.76
C ASN A 110 14.56 -5.15 0.65
N GLU A 111 13.25 -5.14 0.82
CA GLU A 111 12.65 -5.05 2.16
C GLU A 111 12.15 -6.43 2.51
N ILE A 112 12.42 -6.88 3.72
CA ILE A 112 12.02 -8.24 4.15
C ILE A 112 10.50 -8.39 4.12
N VAL A 113 10.02 -9.57 3.77
CA VAL A 113 8.56 -9.85 3.81
C VAL A 113 8.37 -11.14 4.61
N ASN A 114 7.28 -11.22 5.37
CA ASN A 114 6.88 -12.42 6.16
C ASN A 114 5.50 -12.16 6.77
N SER A 117 6.08 -8.76 7.64
CA SER A 117 6.73 -7.52 8.13
C SER A 117 5.70 -6.41 8.19
N TYR A 118 5.55 -5.80 9.33
CA TYR A 118 4.61 -4.66 9.46
C TYR A 118 5.17 -3.71 10.51
N TYR A 119 4.80 -2.44 10.42
CA TYR A 119 5.27 -1.46 11.42
C TYR A 119 4.08 -0.70 11.96
N THR A 120 3.91 -0.74 13.26
CA THR A 120 2.81 -0.08 14.00
C THR A 120 3.27 1.31 14.35
N ARG A 121 2.54 2.31 13.92
CA ARG A 121 2.95 3.71 14.10
C ARG A 121 1.85 4.54 14.78
N TYR A 122 2.19 5.74 15.18
CA TYR A 122 1.30 6.65 15.93
C TYR A 122 1.26 8.02 15.27
N ILE A 123 0.09 8.62 15.25
CA ILE A 123 -0.06 10.00 14.72
C ILE A 123 -0.36 10.90 15.89
N VAL A 124 0.36 11.98 16.04
CA VAL A 124 0.11 12.91 17.16
C VAL A 124 -0.18 14.28 16.59
N ALA A 125 -1.29 14.88 17.01
CA ALA A 125 -1.76 16.18 16.50
C ALA A 125 -1.81 17.17 17.65
N TRP A 126 -1.68 18.46 17.36
CA TRP A 126 -1.66 19.44 18.46
C TRP A 126 -2.66 20.56 18.24
N ASP A 127 -3.54 20.80 19.22
CA ASP A 127 -4.50 21.92 19.17
C ASP A 127 -3.85 23.19 19.68
N PRO A 128 -4.48 24.37 19.54
CA PRO A 128 -3.87 25.63 19.90
C PRO A 128 -3.58 25.78 21.39
N SER A 129 -4.36 25.14 22.23
CA SER A 129 -4.12 25.21 23.69
C SER A 129 -3.01 24.26 24.09
N GLY A 130 -2.48 23.45 23.19
CA GLY A 130 -1.36 22.55 23.52
C GLY A 130 -1.75 21.10 23.69
N ASN A 131 -3.03 20.78 23.69
CA ASN A 131 -3.41 19.36 23.87
C ASN A 131 -2.85 18.53 22.72
N ALA A 132 -2.21 17.41 23.04
CA ALA A 132 -1.67 16.49 22.07
C ALA A 132 -2.43 15.18 22.10
N THR A 133 -2.58 14.55 20.94
CA THR A 133 -3.27 13.24 20.86
C THR A 133 -2.56 12.27 21.80
N GLN A 134 -3.31 11.56 22.61
CA GLN A 134 -2.65 10.65 23.55
C GLN A 134 -2.28 9.39 22.80
N MET A 135 -1.08 8.88 23.02
CA MET A 135 -0.63 7.61 22.41
C MET A 135 -1.09 6.48 23.32
N VAL A 136 -1.77 5.49 22.78
CA VAL A 136 -2.24 4.34 23.58
C VAL A 136 -1.74 3.11 22.85
N ASP A 137 -0.81 2.36 23.46
CA ASP A 137 -0.21 1.16 22.83
C ASP A 137 -1.19 0.00 22.90
N ASN A 138 -2.10 -0.07 21.94
CA ASN A 138 -3.14 -1.12 21.95
C ASN A 138 -3.68 -1.34 20.54
N ALA A 139 -3.88 -2.57 20.15
CA ALA A 139 -4.35 -2.87 18.82
C ALA A 139 -5.75 -2.39 18.56
N ASN A 140 -6.45 -2.09 19.62
CA ASN A 140 -7.81 -1.64 19.59
C ASN A 140 -7.92 -0.21 19.13
N ARG A 141 -6.80 0.40 18.85
CA ARG A 141 -6.79 1.76 18.40
C ARG A 141 -6.38 1.83 16.95
N ASN A 142 -6.06 0.72 16.36
CA ASN A 142 -5.67 0.70 14.97
C ASN A 142 -6.80 1.26 14.12
N GLY A 143 -6.46 2.23 13.29
CA GLY A 143 -7.44 2.86 12.45
C GLY A 143 -7.69 4.30 12.84
N LEU A 144 -7.40 4.62 14.08
CA LEU A 144 -7.56 5.94 14.61
C LEU A 144 -6.22 6.59 14.61
N GLU A 145 -5.69 6.96 15.76
CA GLU A 145 -4.39 7.59 15.76
C GLU A 145 -3.24 6.62 15.65
N ARG A 146 -3.54 5.34 15.81
CA ARG A 146 -2.57 4.28 15.69
C ARG A 146 -2.89 3.55 14.41
N PHE A 147 -1.90 3.25 13.60
CA PHE A 147 -2.16 2.47 12.38
C PHE A 147 -1.04 1.48 12.16
N VAL A 148 -1.30 0.48 11.33
CA VAL A 148 -0.25 -0.50 10.97
C VAL A 148 0.12 -0.30 9.51
N LEU A 149 1.40 -0.25 9.22
CA LEU A 149 1.89 -0.18 7.84
C LEU A 149 2.50 -1.53 7.50
N THR A 150 1.76 -2.32 6.76
CA THR A 150 2.12 -3.65 6.34
C THR A 150 2.76 -3.70 4.98
N VAL A 151 3.95 -4.27 4.93
CA VAL A 151 4.71 -4.42 3.71
C VAL A 151 4.47 -5.79 3.11
N LYS A 152 4.09 -5.82 1.85
CA LYS A 152 3.81 -7.08 1.20
C LYS A 152 4.62 -7.21 -0.06
N SER A 153 4.55 -8.38 -0.64
CA SER A 153 5.27 -8.66 -1.87
C SER A 153 4.62 -7.96 -3.03
N GLN A 154 5.36 -7.70 -4.07
CA GLN A 154 4.80 -6.99 -5.20
C GLN A 154 3.61 -7.62 -5.84
N ASN A 155 3.58 -8.92 -5.93
CA ASN A 155 2.49 -9.57 -6.56
C ASN A 155 1.17 -9.38 -5.87
N GLU A 156 1.20 -8.96 -4.63
CA GLU A 156 -0.03 -8.79 -3.85
C GLU A 156 -0.74 -7.52 -4.28
N LYS A 157 -0.08 -6.69 -5.04
CA LYS A 157 -0.73 -5.46 -5.46
C LYS A 157 -1.62 -5.74 -6.66
N TYR A 158 -1.22 -6.66 -7.52
CA TYR A 158 -1.95 -6.88 -8.78
C TYR A 158 -2.74 -8.17 -8.79
N ASP A 159 -3.78 -8.17 -9.59
CA ASP A 159 -4.58 -9.33 -9.83
C ASP A 159 -4.75 -9.38 -11.31
N PRO A 160 -3.89 -10.14 -11.99
CA PRO A 160 -3.80 -10.32 -13.42
C PRO A 160 -5.09 -10.80 -13.96
N ALA A 161 -5.48 -10.28 -15.10
CA ALA A 161 -6.74 -10.67 -15.67
C ALA A 161 -6.62 -11.76 -16.70
N GLU A 162 -7.62 -12.64 -16.70
CA GLU A 162 -7.71 -13.74 -17.63
C GLU A 162 -7.86 -13.13 -18.99
N SER A 163 -6.91 -13.41 -19.84
CA SER A 163 -6.86 -12.89 -21.18
C SER A 163 -7.63 -13.64 -22.22
N SER A 164 -7.18 -13.49 -23.45
CA SER A 164 -7.77 -14.14 -24.58
C SER A 164 -7.36 -15.56 -24.49
N VAL A 165 -8.25 -16.45 -24.89
CA VAL A 165 -7.86 -17.82 -24.88
C VAL A 165 -6.97 -17.98 -26.09
N THR A 166 -5.87 -18.70 -25.93
CA THR A 166 -4.94 -18.95 -27.01
C THR A 166 -5.03 -20.41 -27.37
N TYR A 167 -5.56 -20.70 -28.55
CA TYR A 167 -5.76 -22.08 -29.03
C TYR A 167 -4.44 -22.63 -29.49
N VAL A 168 -4.09 -23.83 -29.03
CA VAL A 168 -2.80 -24.42 -29.46
C VAL A 168 -3.02 -25.81 -30.03
N ASN A 169 -2.03 -26.36 -30.72
CA ASN A 169 -2.17 -27.71 -31.30
C ASN A 169 -2.22 -28.75 -30.19
N ASN A 170 -1.23 -28.77 -29.32
CA ASN A 170 -1.27 -29.74 -28.24
C ASN A 170 -0.97 -29.15 -26.91
N LEU A 171 -1.86 -29.41 -25.95
CA LEU A 171 -1.71 -28.90 -24.60
C LEU A 171 -0.57 -29.49 -23.81
N SER A 172 -0.07 -30.65 -24.19
CA SER A 172 1.05 -31.26 -23.52
C SER A 172 2.34 -30.87 -24.16
N ASN A 173 2.28 -30.12 -25.23
CA ASN A 173 3.49 -29.73 -25.87
C ASN A 173 3.36 -28.42 -26.57
N LEU A 174 3.37 -27.36 -25.79
CA LEU A 174 3.26 -26.03 -26.40
C LEU A 174 4.60 -25.77 -27.04
N SER A 175 4.60 -25.19 -28.22
CA SER A 175 5.83 -24.84 -28.84
C SER A 175 6.25 -23.48 -28.37
N THR A 176 7.44 -23.09 -28.73
CA THR A 176 7.98 -21.84 -28.36
C THR A 176 7.11 -20.69 -28.79
N SER A 177 6.63 -20.72 -30.01
CA SER A 177 5.77 -19.66 -30.45
C SER A 177 4.41 -19.65 -29.74
N GLU A 178 3.93 -20.78 -29.30
CA GLU A 178 2.69 -20.82 -28.60
C GLU A 178 2.88 -20.32 -27.19
N ARG A 179 4.08 -20.47 -26.66
CA ARG A 179 4.42 -19.98 -25.33
C ARG A 179 4.54 -18.47 -25.42
N GLU A 180 5.07 -17.98 -26.52
CA GLU A 180 5.24 -16.54 -26.68
C GLU A 180 3.89 -15.88 -26.93
N ALA A 181 2.97 -16.58 -27.55
CA ALA A 181 1.67 -16.01 -27.89
C ALA A 181 0.81 -15.88 -26.66
N VAL A 182 1.03 -16.76 -25.72
CA VAL A 182 0.24 -16.78 -24.47
C VAL A 182 0.78 -15.70 -23.56
N ALA A 183 2.06 -15.43 -23.64
CA ALA A 183 2.69 -14.40 -22.81
C ALA A 183 2.35 -13.02 -23.34
N ALA A 184 2.05 -12.91 -24.62
CA ALA A 184 1.77 -11.59 -25.21
C ALA A 184 0.33 -11.28 -24.94
N ALA A 185 -0.49 -12.30 -24.92
CA ALA A 185 -1.93 -12.12 -24.67
C ALA A 185 -2.14 -11.81 -23.20
N VAL A 186 -1.32 -12.37 -22.33
CA VAL A 186 -1.52 -12.04 -20.91
C VAL A 186 -1.12 -10.60 -20.74
N ARG A 187 -0.04 -10.18 -21.33
CA ARG A 187 0.43 -8.80 -21.24
C ARG A 187 -0.62 -7.83 -21.77
N ALA A 188 -1.30 -8.17 -22.85
CA ALA A 188 -2.31 -7.32 -23.50
C ALA A 188 -3.54 -7.18 -22.62
N ALA A 189 -3.79 -8.13 -21.77
CA ALA A 189 -4.93 -8.04 -20.93
C ALA A 189 -4.63 -7.36 -19.62
N ASN A 190 -3.37 -7.19 -19.31
CA ASN A 190 -2.98 -6.61 -18.05
C ASN A 190 -1.98 -5.49 -18.17
N PRO A 191 -2.42 -4.33 -18.64
CA PRO A 191 -1.53 -3.20 -18.80
C PRO A 191 -1.12 -2.49 -17.52
N ASN A 192 -1.80 -2.76 -16.42
CA ASN A 192 -1.48 -2.17 -15.15
C ASN A 192 -0.25 -2.77 -14.59
N ILE A 193 -0.06 -4.03 -14.87
CA ILE A 193 1.09 -4.80 -14.43
C ILE A 193 2.36 -4.14 -14.88
N PRO A 194 3.32 -4.04 -13.98
CA PRO A 194 4.62 -3.43 -14.18
C PRO A 194 5.24 -3.83 -15.46
N PRO A 195 5.64 -2.88 -16.26
CA PRO A 195 6.23 -3.18 -17.54
C PRO A 195 7.47 -4.08 -17.48
N THR A 196 8.18 -4.02 -16.37
CA THR A 196 9.42 -4.75 -16.10
C THR A 196 9.11 -6.14 -15.57
N ALA A 197 7.86 -6.41 -15.30
CA ALA A 197 7.49 -7.77 -14.85
C ALA A 197 7.71 -8.74 -16.00
N LYS A 198 8.27 -9.90 -15.73
CA LYS A 198 8.59 -10.88 -16.78
C LYS A 198 7.47 -11.90 -16.88
N ILE A 199 6.98 -12.12 -18.09
CA ILE A 199 5.90 -13.12 -18.28
C ILE A 199 6.47 -14.31 -19.02
N THR A 200 6.40 -15.48 -18.42
CA THR A 200 6.93 -16.71 -19.02
C THR A 200 5.82 -17.74 -19.00
N VAL A 201 5.84 -18.62 -19.99
CA VAL A 201 4.82 -19.70 -20.10
C VAL A 201 5.59 -20.99 -20.26
N SER A 202 5.11 -22.03 -19.61
CA SER A 202 5.80 -23.33 -19.60
C SER A 202 5.29 -24.21 -20.74
N GLN A 203 5.83 -25.41 -20.85
CA GLN A 203 5.40 -26.36 -21.90
C GLN A 203 3.95 -26.79 -21.71
N ASN A 204 3.36 -26.75 -20.54
CA ASN A 204 1.95 -27.18 -20.47
C ASN A 204 1.04 -25.96 -20.50
N GLY A 205 1.60 -24.77 -20.56
CA GLY A 205 0.79 -23.56 -20.70
C GLY A 205 0.57 -22.77 -19.43
N THR A 206 1.23 -23.09 -18.33
CA THR A 206 0.98 -22.27 -17.13
C THR A 206 1.78 -20.97 -17.23
N VAL A 207 1.14 -19.88 -16.84
CA VAL A 207 1.78 -18.55 -16.93
C VAL A 207 2.41 -18.18 -15.62
N THR A 208 3.61 -17.63 -15.64
CA THR A 208 4.28 -17.17 -14.41
C THR A 208 4.59 -15.69 -14.54
N ILE A 209 4.12 -14.87 -13.62
CA ILE A 209 4.43 -13.42 -13.71
C ILE A 209 5.43 -13.11 -12.62
N THR A 210 6.63 -12.76 -13.02
CA THR A 210 7.67 -12.45 -12.05
C THR A 210 7.79 -10.95 -11.99
N TYR A 211 7.43 -10.36 -10.85
CA TYR A 211 7.44 -8.90 -10.69
C TYR A 211 8.84 -8.44 -10.35
N PRO A 212 9.09 -7.15 -10.38
CA PRO A 212 10.41 -6.61 -10.09
C PRO A 212 11.06 -7.02 -8.78
N ASP A 213 10.30 -7.45 -7.79
CA ASP A 213 10.94 -7.83 -6.56
C ASP A 213 11.13 -9.32 -6.47
N LYS A 214 10.92 -9.99 -7.60
CA LYS A 214 10.98 -11.43 -7.78
C LYS A 214 9.89 -12.20 -7.14
N SER A 215 8.80 -11.53 -6.82
CA SER A 215 7.63 -12.21 -6.29
C SER A 215 6.87 -12.74 -7.48
N THR A 216 5.92 -13.63 -7.24
CA THR A 216 5.40 -14.33 -8.40
C THR A 216 3.92 -14.56 -8.32
N ASP A 217 3.31 -14.40 -9.47
CA ASP A 217 1.90 -14.68 -9.73
C ASP A 217 1.83 -15.74 -10.81
N THR A 218 0.85 -16.62 -10.73
CA THR A 218 0.78 -17.70 -11.71
C THR A 218 -0.65 -17.88 -12.17
N ILE A 219 -0.86 -17.82 -13.48
CA ILE A 219 -2.21 -17.98 -14.08
C ILE A 219 -2.32 -19.40 -14.59
N PRO A 220 -3.36 -20.14 -14.23
CA PRO A 220 -3.47 -21.52 -14.62
C PRO A 220 -3.52 -21.66 -16.13
N ALA A 221 -3.00 -22.77 -16.64
CA ALA A 221 -3.01 -23.06 -18.08
C ALA A 221 -4.43 -23.19 -18.61
N ASN A 222 -5.37 -23.61 -17.82
CA ASN A 222 -6.69 -23.76 -18.36
C ASN A 222 -7.50 -22.52 -18.50
N ARG A 223 -6.93 -21.37 -18.28
CA ARG A 223 -7.72 -20.18 -18.43
C ARG A 223 -7.18 -19.40 -19.56
N VAL A 224 -5.99 -19.75 -19.99
CA VAL A 224 -5.35 -18.99 -21.08
C VAL A 224 -5.03 -19.81 -22.33
N VAL A 225 -5.14 -21.13 -22.27
CA VAL A 225 -4.72 -21.97 -23.41
C VAL A 225 -5.74 -23.08 -23.63
N LYS A 226 -5.97 -23.45 -24.87
CA LYS A 226 -6.95 -24.52 -25.19
C LYS A 226 -6.54 -25.25 -26.47
N ASP A 227 -7.04 -26.46 -26.66
CA ASP A 227 -6.74 -27.21 -27.91
C ASP A 227 -8.03 -27.76 -28.48
N LEU A 228 -7.97 -28.39 -29.64
CA LEU A 228 -9.23 -28.89 -30.24
C LEU A 228 -9.33 -30.41 -30.18
N GLN A 229 -8.46 -31.07 -29.41
CA GLN A 229 -8.45 -32.51 -29.25
C GLN A 229 -9.49 -32.94 -28.22
C1 NGS B . 8.20 -0.58 24.92
C2 NGS B . 6.79 -1.01 24.70
C3 NGS B . 6.63 -2.08 23.67
C4 NGS B . 7.35 -1.56 22.49
C5 NGS B . 8.75 -1.35 22.98
C6 NGS B . 9.79 -1.36 21.91
O1 NGS B . 8.11 0.59 25.66
O3 NGS B . 5.29 -2.23 23.29
O5 NGS B . 8.72 -0.20 23.72
O6 NGS B . 10.15 -0.07 21.54
N2 NGS B . 6.41 -1.48 25.98
C7 NGS B . 5.38 -1.01 26.63
O7 NGS B . 5.22 0.14 26.91
C8 NGS B . 4.43 -2.05 27.05
S NGS B . 11.52 0.43 21.78
O7A NGS B . 11.57 1.74 21.34
O8 NGS B . 12.47 -0.22 21.01
O9 NGS B . 11.81 0.47 23.33
O4 NGS B . 7.36 -2.53 21.49
C1 FUC B . 4.73 -3.33 23.90
C2 FUC B . 3.26 -3.41 23.70
C3 FUC B . 2.95 -3.53 22.29
C4 FUC B . 3.56 -4.76 21.73
C5 FUC B . 4.99 -4.63 22.03
C6 FUC B . 5.59 -5.91 21.65
O2 FUC B . 2.75 -2.19 23.98
O3 FUC B . 1.58 -3.72 22.17
O4 FUC B . 2.98 -5.94 22.28
O5 FUC B . 5.22 -4.48 23.38
C1 GAL B . 6.81 -2.10 20.28
C2 GAL B . 6.91 -3.26 19.34
C3 GAL B . 6.29 -2.92 18.05
C4 GAL B . 4.88 -2.45 18.26
C5 GAL B . 4.97 -1.29 19.20
C6 GAL B . 3.64 -0.60 19.27
O2 GAL B . 8.25 -3.57 19.10
O3 GAL B . 6.27 -4.16 17.48
O4 GAL B . 4.05 -3.50 18.65
O5 GAL B . 5.45 -1.83 20.39
O6 GAL B . 3.48 0.13 20.45
NA NA C . -8.63 20.78 21.24
NA NA D . -1.16 -10.94 -7.90
NA NA E . 9.01 0.19 18.23
C1 SIA F . 5.77 -3.42 15.15
C2 SIA F . 6.52 -4.55 15.87
C3 SIA F . 6.18 -5.79 14.96
C4 SIA F . 6.99 -6.09 13.73
C5 SIA F . 8.38 -5.51 13.76
C6 SIA F . 8.28 -4.13 14.34
C7 SIA F . 9.64 -3.48 14.32
C8 SIA F . 9.66 -2.08 14.76
C9 SIA F . 10.76 -1.33 14.08
C10 SIA F . 9.58 -6.04 11.70
C11 SIA F . 9.06 -6.65 10.45
N5 SIA F . 8.72 -5.31 12.37
O1A SIA F . 6.26 -2.41 14.87
O1B SIA F . 4.63 -3.54 14.94
O4 SIA F . 7.06 -7.50 13.63
O6 SIA F . 7.92 -4.25 15.69
O7 SIA F . 10.50 -4.22 15.16
O8 SIA F . 8.47 -1.53 14.40
O9 SIA F . 11.10 -0.15 14.78
O10 SIA F . 10.72 -6.18 12.07
#